data_7P9I
#
_entry.id   7P9I
#
_cell.length_a   62.480
_cell.length_b   57.590
_cell.length_c   79.440
_cell.angle_alpha   90.000
_cell.angle_beta   98.140
_cell.angle_gamma   90.000
#
_symmetry.space_group_name_H-M   'P 1 21 1'
#
loop_
_entity.id
_entity.type
_entity.pdbx_description
1 polymer 'Ribosomal RNA large subunit methyltransferase J'
2 polymer 'RNA conjugate (GAA-SAM)'
3 non-polymer "5'-{[(3S)-3-amino-3-carboxypropyl](3-aminopropyl)amino}-5'-deoxyadenosine"
4 water water
#
loop_
_entity_poly.entity_id
_entity_poly.type
_entity_poly.pdbx_seq_one_letter_code
_entity_poly.pdbx_strand_id
1 'polypeptide(L)'
;MLSYRHSFHAGNHADVLKHTVQSLIIESLKEKDKPFLYLDTHAGAGRYQLGSEHAERTGEYLEGIARIWQQDDLPAELEA
YINVVKHFNRSGQLRYYPGSPLIARQLLREQDSLQLTELHPSDYPLLRSEFQKDSRARVEKADGFQQLKAKLPPVSRRGL
ILIDPPYEMKTDYQAVVSGIAEGYKRFATGTYALWYPVVLRQQIKRMIHDLEATGIRKILQIELAVLPDSDRRGMTASGM
IVINPPWKLEQQMNNVLPWLHSKLVPAGTGHATVSWIVPE
;
A,B
2 'polyribonucleotide' (GMP)AA D,E
#
loop_
_chem_comp.id
_chem_comp.type
_chem_comp.name
_chem_comp.formula
6D6 non-polymer 5'-{[(3S)-3-amino-3-carboxypropyl](3-aminopropyl)amino}-5'-deoxyadenosine 'C17 H28 N8 O5'
A RNA linking ADENOSINE-5'-MONOPHOSPHATE 'C10 H14 N5 O7 P'
GMP non-polymer GUANOSINE 'C10 H13 N5 O5'
#
# COMPACT_ATOMS: atom_id res chain seq x y z
N SER A 3 35.99 -1.02 -17.35
CA SER A 3 36.71 0.10 -16.76
C SER A 3 35.72 1.09 -16.15
N TYR A 4 36.06 1.62 -14.98
CA TYR A 4 35.12 2.45 -14.26
C TYR A 4 34.74 3.67 -15.08
N ARG A 5 33.52 4.15 -14.87
CA ARG A 5 32.96 5.27 -15.62
C ARG A 5 33.55 6.60 -15.13
N HIS A 6 34.01 7.42 -16.06
CA HIS A 6 34.40 8.79 -15.77
C HIS A 6 33.20 9.71 -15.87
N SER A 7 33.21 10.78 -15.07
CA SER A 7 32.07 11.70 -15.05
C SER A 7 32.50 13.08 -14.61
N PHE A 8 32.38 14.06 -15.51
CA PHE A 8 32.81 15.42 -15.22
C PHE A 8 32.09 16.00 -14.01
N HIS A 9 30.86 15.58 -13.76
CA HIS A 9 30.07 16.21 -12.68
C HIS A 9 30.15 15.45 -11.35
N ALA A 10 30.72 14.25 -11.34
CA ALA A 10 30.65 13.44 -10.13
C ALA A 10 31.36 14.12 -8.97
N GLY A 11 30.76 14.05 -7.78
CA GLY A 11 31.36 14.65 -6.60
C GLY A 11 31.18 16.14 -6.49
N ASN A 12 30.30 16.73 -7.30
CA ASN A 12 30.05 18.16 -7.24
C ASN A 12 29.13 18.48 -6.07
N HIS A 13 28.75 19.76 -5.95
CA HIS A 13 27.96 20.19 -4.80
C HIS A 13 26.66 19.40 -4.69
N ALA A 14 26.03 19.07 -5.82
CA ALA A 14 24.76 18.35 -5.81
C ALA A 14 24.95 16.94 -5.28
N ASP A 15 26.03 16.26 -5.69
CA ASP A 15 26.31 14.94 -5.15
C ASP A 15 26.59 15.02 -3.65
N VAL A 16 27.35 16.03 -3.23
CA VAL A 16 27.63 16.19 -1.80
C VAL A 16 26.33 16.30 -1.02
N LEU A 17 25.41 17.15 -1.48
CA LEU A 17 24.13 17.31 -0.77
C LEU A 17 23.33 16.02 -0.77
N LYS A 18 23.21 15.43 -1.95
CA LYS A 18 22.39 14.20 -2.12
C LYS A 18 22.92 13.08 -1.23
N HIS A 19 24.23 12.81 -1.22
CA HIS A 19 24.78 11.69 -0.47
C HIS A 19 24.90 11.99 1.00
N THR A 20 25.04 13.27 1.37
CA THR A 20 24.94 13.63 2.77
C THR A 20 23.57 13.28 3.31
N VAL A 21 22.52 13.68 2.60
CA VAL A 21 21.16 13.41 3.06
C VAL A 21 20.90 11.91 3.07
N GLN A 22 21.27 11.22 1.99
CA GLN A 22 21.16 9.76 1.95
C GLN A 22 21.79 9.11 3.18
N SER A 23 23.05 9.46 3.49
CA SER A 23 23.77 8.80 4.58
C SER A 23 23.09 9.05 5.92
N LEU A 24 22.60 10.28 6.15
CA LEU A 24 21.93 10.58 7.40
C LEU A 24 20.63 9.81 7.54
N ILE A 25 19.89 9.61 6.44
CA ILE A 25 18.65 8.85 6.55
C ILE A 25 18.95 7.40 6.88
N ILE A 26 19.98 6.84 6.21
CA ILE A 26 20.38 5.46 6.46
C ILE A 26 20.79 5.29 7.92
N GLU A 27 21.59 6.22 8.44
CA GLU A 27 22.03 6.07 9.83
C GLU A 27 20.85 6.14 10.79
N SER A 28 19.83 6.96 10.49
CA SER A 28 18.65 6.98 11.35
C SER A 28 17.87 5.67 11.25
N LEU A 29 17.75 5.10 10.05
CA LEU A 29 17.05 3.83 9.90
C LEU A 29 17.76 2.72 10.65
N LYS A 30 19.09 2.80 10.76
CA LYS A 30 19.86 1.77 11.44
C LYS A 30 19.71 1.80 12.97
N GLU A 31 19.06 2.83 13.52
CA GLU A 31 18.89 2.89 14.96
C GLU A 31 17.98 1.79 15.48
N LYS A 32 17.08 1.29 14.65
CA LYS A 32 16.21 0.18 15.02
C LYS A 32 16.75 -1.11 14.41
N ASP A 33 16.78 -2.18 15.21
CA ASP A 33 17.46 -3.38 14.74
C ASP A 33 16.75 -4.04 13.57
N LYS A 34 15.45 -3.77 13.39
CA LYS A 34 14.67 -4.40 12.33
C LYS A 34 15.29 -4.12 10.98
N PRO A 35 15.28 -5.07 10.04
CA PRO A 35 15.85 -4.82 8.71
C PRO A 35 15.08 -3.75 7.97
N PHE A 36 15.75 -3.14 6.99
CA PHE A 36 15.06 -2.23 6.08
C PHE A 36 15.60 -2.41 4.66
N LEU A 37 14.84 -1.88 3.70
CA LEU A 37 15.17 -1.92 2.28
C LEU A 37 15.77 -0.58 1.86
N TYR A 38 16.85 -0.63 1.07
CA TYR A 38 17.31 0.52 0.32
C TYR A 38 16.98 0.29 -1.14
N LEU A 39 16.12 1.14 -1.70
CA LEU A 39 15.64 1.01 -3.08
C LEU A 39 16.14 2.21 -3.86
N ASP A 40 17.00 1.96 -4.85
CA ASP A 40 17.65 2.99 -5.67
C ASP A 40 17.09 2.87 -7.08
N THR A 41 16.13 3.74 -7.44
CA THR A 41 15.42 3.59 -8.72
C THR A 41 16.30 3.91 -9.92
N HIS A 42 17.20 4.88 -9.80
CA HIS A 42 18.12 5.33 -10.89
C HIS A 42 19.51 5.21 -10.27
N ALA A 43 20.12 4.04 -10.32
CA ALA A 43 21.29 3.77 -9.50
C ALA A 43 22.61 4.13 -10.15
N GLY A 44 22.66 4.31 -11.47
CA GLY A 44 23.92 4.69 -12.12
C GLY A 44 24.93 3.57 -12.17
N ALA A 45 26.20 3.98 -12.36
CA ALA A 45 27.29 3.02 -12.54
C ALA A 45 27.77 2.42 -11.22
N GLY A 46 27.60 3.12 -10.09
CA GLY A 46 28.03 2.64 -8.80
C GLY A 46 29.15 3.46 -8.19
N ARG A 47 30.12 3.81 -9.02
CA ARG A 47 31.25 4.64 -8.64
C ARG A 47 31.71 5.37 -9.89
N TYR A 48 32.52 6.42 -9.68
CA TYR A 48 32.94 7.27 -10.77
C TYR A 48 34.42 7.55 -10.59
N GLN A 49 35.18 7.35 -11.65
CA GLN A 49 36.61 7.66 -11.64
C GLN A 49 36.79 9.14 -11.94
N LEU A 50 37.45 9.88 -11.04
CA LEU A 50 37.57 11.35 -11.13
C LEU A 50 38.78 11.73 -12.01
N THR A 58 40.76 17.15 -12.77
CA THR A 58 39.89 18.07 -13.49
C THR A 58 38.47 17.52 -13.44
N GLY A 59 37.53 18.41 -13.10
CA GLY A 59 36.16 18.00 -12.87
C GLY A 59 35.50 18.79 -11.76
N GLU A 60 34.17 18.72 -11.67
CA GLU A 60 33.48 19.50 -10.67
C GLU A 60 33.72 18.99 -9.27
N TYR A 61 34.28 17.79 -9.11
CA TYR A 61 34.61 17.32 -7.76
C TYR A 61 35.57 18.28 -7.05
N LEU A 62 36.36 19.04 -7.82
CA LEU A 62 37.30 19.97 -7.22
C LEU A 62 36.59 21.07 -6.45
N GLU A 63 35.36 21.39 -6.83
CA GLU A 63 34.54 22.38 -6.16
C GLU A 63 33.54 21.77 -5.19
N GLY A 64 33.47 20.45 -5.11
CA GLY A 64 32.53 19.77 -4.24
C GLY A 64 33.26 18.97 -3.18
N ILE A 65 33.31 17.64 -3.36
CA ILE A 65 33.85 16.76 -2.33
C ILE A 65 35.28 17.11 -1.95
N ALA A 66 36.08 17.60 -2.90
CA ALA A 66 37.46 17.93 -2.58
C ALA A 66 37.54 19.03 -1.51
N ARG A 67 36.55 19.93 -1.48
CA ARG A 67 36.58 21.03 -0.54
C ARG A 67 36.19 20.63 0.87
N ILE A 68 35.64 19.44 1.07
CA ILE A 68 35.18 19.10 2.42
C ILE A 68 35.89 17.86 2.98
N TRP A 69 36.35 16.95 2.12
CA TRP A 69 36.61 15.60 2.66
C TRP A 69 37.82 15.54 3.58
N GLN A 70 38.76 16.49 3.50
CA GLN A 70 39.91 16.44 4.40
C GLN A 70 39.93 17.61 5.38
N GLN A 71 38.78 18.24 5.62
CA GLN A 71 38.73 19.35 6.55
C GLN A 71 38.80 18.87 8.00
N ASP A 72 39.59 19.57 8.81
CA ASP A 72 39.80 19.19 10.20
C ASP A 72 38.57 19.45 11.06
N ASP A 73 37.71 20.36 10.64
CA ASP A 73 36.51 20.73 11.39
C ASP A 73 35.25 20.12 10.78
N LEU A 74 35.37 18.95 10.17
CA LEU A 74 34.21 18.30 9.55
C LEU A 74 33.11 18.10 10.59
N PRO A 75 31.89 18.57 10.34
CA PRO A 75 30.78 18.34 11.27
C PRO A 75 30.51 16.87 11.48
N ALA A 76 30.04 16.53 12.69
CA ALA A 76 29.80 15.13 13.00
C ALA A 76 28.77 14.53 12.05
N GLU A 77 27.83 15.34 11.58
CA GLU A 77 26.79 14.85 10.69
C GLU A 77 27.31 14.41 9.33
N LEU A 78 28.55 14.73 8.98
CA LEU A 78 29.10 14.31 7.70
C LEU A 78 30.04 13.12 7.82
N GLU A 79 30.26 12.63 9.03
CA GLU A 79 31.31 11.63 9.23
C GLU A 79 31.00 10.32 8.51
N ALA A 80 29.74 9.86 8.56
CA ALA A 80 29.40 8.59 7.92
C ALA A 80 29.64 8.65 6.43
N TYR A 81 29.18 9.72 5.79
CA TYR A 81 29.38 9.92 4.36
C TYR A 81 30.87 10.05 4.02
N ILE A 82 31.57 10.92 4.73
CA ILE A 82 32.95 11.15 4.36
C ILE A 82 33.79 9.91 4.60
N ASN A 83 33.45 9.10 5.59
CA ASN A 83 34.19 7.88 5.84
C ASN A 83 34.03 6.87 4.71
N VAL A 84 32.86 6.87 4.04
CA VAL A 84 32.74 6.04 2.84
C VAL A 84 33.64 6.56 1.72
N VAL A 85 33.68 7.87 1.50
CA VAL A 85 34.58 8.45 0.49
C VAL A 85 36.03 8.09 0.82
N LYS A 86 36.41 8.16 2.09
CA LYS A 86 37.79 7.84 2.44
C LYS A 86 38.07 6.34 2.26
N HIS A 87 37.07 5.50 2.53
CA HIS A 87 37.23 4.04 2.30
C HIS A 87 37.68 3.78 0.87
N PHE A 88 37.14 4.54 -0.07
CA PHE A 88 37.48 4.31 -1.46
C PHE A 88 38.67 5.14 -1.93
N ASN A 89 39.30 5.88 -1.02
CA ASN A 89 40.45 6.72 -1.36
C ASN A 89 41.45 6.73 -0.22
N ARG A 90 41.91 5.54 0.20
CA ARG A 90 42.73 5.44 1.40
C ARG A 90 44.13 5.99 1.21
N SER A 91 44.57 6.21 -0.04
CA SER A 91 45.84 6.87 -0.29
C SER A 91 45.85 8.34 0.10
N GLY A 92 44.68 8.94 0.33
CA GLY A 92 44.59 10.35 0.60
C GLY A 92 44.52 11.23 -0.63
N GLN A 93 44.55 10.65 -1.83
CA GLN A 93 44.31 11.35 -3.08
C GLN A 93 42.92 10.99 -3.59
N LEU A 94 42.17 12.00 -4.04
CA LEU A 94 40.82 11.76 -4.57
C LEU A 94 40.91 11.13 -5.94
N ARG A 95 40.52 9.87 -6.04
CA ARG A 95 40.51 9.17 -7.32
C ARG A 95 39.17 8.58 -7.68
N TYR A 96 38.37 8.16 -6.69
CA TYR A 96 37.07 7.55 -6.94
C TYR A 96 36.01 8.27 -6.12
N TYR A 97 34.86 8.48 -6.72
CA TYR A 97 33.73 9.03 -5.98
C TYR A 97 32.66 7.96 -5.89
N PRO A 98 32.24 7.56 -4.69
CA PRO A 98 31.21 6.51 -4.59
C PRO A 98 29.84 7.06 -4.90
N GLY A 99 29.08 6.34 -5.72
CA GLY A 99 27.70 6.71 -6.00
C GLY A 99 26.76 6.24 -4.90
N SER A 100 25.50 6.62 -5.04
CA SER A 100 24.51 6.21 -4.03
C SER A 100 24.50 4.70 -3.77
N PRO A 101 24.68 3.81 -4.77
CA PRO A 101 24.69 2.38 -4.44
C PRO A 101 25.84 1.97 -3.52
N LEU A 102 27.00 2.60 -3.65
CA LEU A 102 28.13 2.24 -2.80
C LEU A 102 28.03 2.88 -1.43
N ILE A 103 27.52 4.12 -1.34
CA ILE A 103 27.14 4.65 -0.04
C ILE A 103 26.29 3.62 0.70
N ALA A 104 25.22 3.15 0.04
CA ALA A 104 24.34 2.20 0.71
C ALA A 104 25.05 0.87 0.99
N ARG A 105 25.86 0.38 0.05
CA ARG A 105 26.54 -0.91 0.26
C ARG A 105 27.43 -0.85 1.51
N GLN A 106 28.09 0.28 1.74
CA GLN A 106 29.02 0.37 2.87
C GLN A 106 28.31 0.67 4.18
N LEU A 107 27.17 1.36 4.15
CA LEU A 107 26.50 1.74 5.40
C LEU A 107 25.46 0.73 5.86
N LEU A 108 24.83 0.01 4.93
CA LEU A 108 23.79 -0.93 5.33
C LEU A 108 24.39 -2.10 6.10
N ARG A 109 23.56 -2.73 6.92
CA ARG A 109 23.99 -3.79 7.81
C ARG A 109 23.78 -5.14 7.14
N GLU A 110 24.22 -6.22 7.81
CA GLU A 110 24.11 -7.53 7.16
C GLU A 110 22.65 -7.93 6.94
N GLN A 111 21.73 -7.48 7.78
CA GLN A 111 20.34 -7.88 7.70
C GLN A 111 19.52 -7.02 6.72
N ASP A 112 20.10 -5.99 6.14
CA ASP A 112 19.33 -5.11 5.27
C ASP A 112 19.44 -5.56 3.82
N SER A 113 18.59 -4.98 2.96
CA SER A 113 18.48 -5.38 1.57
C SER A 113 18.67 -4.17 0.66
N LEU A 114 19.19 -4.42 -0.52
CA LEU A 114 19.35 -3.40 -1.55
C LEU A 114 18.69 -3.86 -2.84
N GLN A 115 17.91 -2.97 -3.45
CA GLN A 115 17.33 -3.22 -4.77
C GLN A 115 17.70 -2.04 -5.65
N LEU A 116 18.51 -2.31 -6.68
CA LEU A 116 19.10 -1.28 -7.52
C LEU A 116 18.68 -1.52 -8.96
N THR A 117 18.33 -0.44 -9.65
CA THR A 117 17.98 -0.54 -11.07
C THR A 117 18.67 0.55 -11.86
N GLU A 118 19.04 0.23 -13.09
CA GLU A 118 19.68 1.16 -13.99
C GLU A 118 19.51 0.64 -15.40
N LEU A 119 19.01 1.48 -16.30
CA LEU A 119 18.81 1.12 -17.71
C LEU A 119 20.02 1.39 -18.60
N HIS A 120 20.94 2.23 -18.17
CA HIS A 120 22.05 2.63 -19.03
C HIS A 120 22.82 1.39 -19.50
N PRO A 121 22.98 1.19 -20.81
CA PRO A 121 23.55 -0.08 -21.27
C PRO A 121 25.02 -0.25 -20.93
N SER A 122 25.76 0.83 -20.78
CA SER A 122 27.16 0.76 -20.38
C SER A 122 27.34 0.76 -18.88
N ASP A 123 26.47 1.42 -18.14
CA ASP A 123 26.67 1.54 -16.71
C ASP A 123 26.00 0.43 -15.92
N TYR A 124 24.97 -0.23 -16.48
CA TYR A 124 24.33 -1.35 -15.80
C TYR A 124 25.33 -2.48 -15.52
N PRO A 125 26.16 -2.90 -16.48
CA PRO A 125 27.17 -3.93 -16.17
C PRO A 125 28.15 -3.53 -15.07
N LEU A 126 28.59 -2.26 -15.05
CA LEU A 126 29.45 -1.81 -13.96
C LEU A 126 28.73 -1.93 -12.63
N LEU A 127 27.47 -1.51 -12.58
CA LEU A 127 26.71 -1.61 -11.34
C LEU A 127 26.59 -3.06 -10.90
N ARG A 128 26.27 -3.96 -11.84
CA ARG A 128 26.17 -5.37 -11.51
C ARG A 128 27.47 -5.90 -10.90
N SER A 129 28.60 -5.49 -11.46
CA SER A 129 29.88 -5.97 -10.95
C SER A 129 30.20 -5.46 -9.56
N GLU A 130 29.62 -4.31 -9.14
CA GLU A 130 29.83 -3.82 -7.78
C GLU A 130 29.14 -4.69 -6.73
N PHE A 131 28.18 -5.54 -7.14
CA PHE A 131 27.37 -6.29 -6.18
C PHE A 131 27.37 -7.77 -6.46
N GLN A 132 28.28 -8.26 -7.31
CA GLN A 132 28.25 -9.65 -7.72
C GLN A 132 28.52 -10.60 -6.56
N LYS A 133 29.17 -10.12 -5.50
CA LYS A 133 29.51 -10.93 -4.29
C LYS A 133 28.70 -10.40 -3.09
N ASP A 134 27.61 -9.64 -3.30
CA ASP A 134 26.81 -9.08 -2.20
C ASP A 134 25.43 -9.69 -2.26
N SER A 135 25.17 -10.68 -1.40
CA SER A 135 23.92 -11.41 -1.37
C SER A 135 22.75 -10.57 -0.87
N ARG A 136 23.01 -9.41 -0.26
CA ARG A 136 21.94 -8.53 0.17
C ARG A 136 21.31 -7.76 -0.98
N ALA A 137 21.96 -7.74 -2.14
CA ALA A 137 21.60 -6.83 -3.22
C ALA A 137 21.03 -7.56 -4.41
N ARG A 138 20.09 -6.91 -5.08
CA ARG A 138 19.53 -7.35 -6.35
C ARG A 138 19.65 -6.18 -7.33
N VAL A 139 20.22 -6.45 -8.50
CA VAL A 139 20.48 -5.42 -9.51
C VAL A 139 19.73 -5.83 -10.77
N GLU A 140 18.94 -4.90 -11.33
CA GLU A 140 18.15 -5.18 -12.52
C GLU A 140 18.26 -4.05 -13.54
N LYS A 141 18.23 -4.43 -14.81
CA LYS A 141 18.25 -3.46 -15.91
C LYS A 141 16.79 -3.17 -16.22
N ALA A 142 16.21 -2.19 -15.52
CA ALA A 142 14.78 -1.99 -15.60
C ALA A 142 14.43 -0.53 -15.27
N ASP A 143 13.23 -0.14 -15.70
CA ASP A 143 12.79 1.23 -15.50
C ASP A 143 12.65 1.52 -14.02
N GLY A 144 13.22 2.66 -13.59
CA GLY A 144 13.24 2.97 -12.16
C GLY A 144 11.86 3.22 -11.57
N PHE A 145 11.02 3.98 -12.29
CA PHE A 145 9.71 4.30 -11.72
C PHE A 145 8.83 3.08 -11.62
N GLN A 146 8.99 2.10 -12.52
CA GLN A 146 8.21 0.86 -12.38
C GLN A 146 8.57 0.12 -11.10
N GLN A 147 9.76 0.33 -10.55
CA GLN A 147 10.15 -0.36 -9.29
C GLN A 147 9.32 0.21 -8.13
N LEU A 148 8.76 1.41 -8.26
CA LEU A 148 7.93 1.92 -7.17
C LEU A 148 6.61 1.17 -7.08
N LYS A 149 6.22 0.47 -8.14
CA LYS A 149 5.07 -0.42 -8.16
C LYS A 149 5.47 -1.86 -7.87
N ALA A 150 6.62 -2.31 -8.39
CA ALA A 150 6.97 -3.72 -8.33
C ALA A 150 7.62 -4.12 -7.01
N LYS A 151 8.35 -3.22 -6.35
CA LYS A 151 9.18 -3.58 -5.17
C LYS A 151 8.58 -3.05 -3.87
N LEU A 152 7.47 -2.32 -3.92
CA LEU A 152 6.89 -1.77 -2.71
C LEU A 152 5.51 -2.36 -2.48
N PRO A 153 5.14 -2.64 -1.23
CA PRO A 153 5.96 -2.42 -0.03
C PRO A 153 7.01 -3.51 0.17
N PRO A 154 8.11 -3.19 0.86
CA PRO A 154 9.10 -4.22 1.16
C PRO A 154 8.55 -5.16 2.21
N VAL A 155 8.98 -6.43 2.11
CA VAL A 155 8.49 -7.40 3.09
C VAL A 155 8.91 -6.96 4.49
N SER A 156 10.04 -6.27 4.61
CA SER A 156 10.49 -5.75 5.90
C SER A 156 9.65 -4.60 6.42
N ARG A 157 8.86 -3.95 5.55
CA ARG A 157 7.99 -2.83 5.91
C ARG A 157 8.77 -1.62 6.43
N ARG A 158 10.07 -1.54 6.13
CA ARG A 158 10.89 -0.36 6.40
C ARG A 158 11.73 -0.08 5.15
N GLY A 159 11.98 1.19 4.85
CA GLY A 159 12.87 1.44 3.73
C GLY A 159 13.12 2.91 3.48
N LEU A 160 14.24 3.15 2.80
CA LEU A 160 14.57 4.39 2.12
C LEU A 160 14.49 4.12 0.63
N ILE A 161 13.71 4.93 -0.07
CA ILE A 161 13.63 4.91 -1.53
C ILE A 161 14.29 6.18 -2.04
N LEU A 162 15.40 6.04 -2.76
CA LEU A 162 16.09 7.17 -3.36
C LEU A 162 15.74 7.25 -4.84
N ILE A 163 15.26 8.42 -5.26
CA ILE A 163 14.84 8.64 -6.64
C ILE A 163 15.71 9.76 -7.20
N ASP A 164 16.56 9.43 -8.17
CA ASP A 164 17.63 10.33 -8.61
C ASP A 164 17.70 10.28 -10.14
N PRO A 165 16.70 10.85 -10.81
CA PRO A 165 16.53 10.56 -12.25
C PRO A 165 17.07 11.68 -13.13
N PRO A 166 17.24 11.39 -14.43
CA PRO A 166 17.50 12.47 -15.38
C PRO A 166 16.27 13.34 -15.56
N TYR A 167 16.48 14.64 -15.58
CA TYR A 167 15.43 15.61 -15.88
C TYR A 167 15.76 16.24 -17.23
N GLU A 168 15.15 15.74 -18.29
CA GLU A 168 15.56 16.10 -19.65
C GLU A 168 14.51 16.84 -20.43
N MET A 169 13.27 16.84 -19.98
CA MET A 169 12.26 17.73 -20.52
C MET A 169 11.18 17.85 -19.46
N LYS A 170 10.25 18.76 -19.70
CA LYS A 170 9.36 19.12 -18.61
C LYS A 170 8.36 18.02 -18.25
N THR A 171 8.16 17.04 -19.15
CA THR A 171 7.32 15.88 -18.79
C THR A 171 7.99 15.02 -17.73
N ASP A 172 9.33 15.04 -17.65
CA ASP A 172 10.02 14.24 -16.65
C ASP A 172 9.69 14.69 -15.24
N TYR A 173 9.50 15.99 -15.03
CA TYR A 173 9.12 16.48 -13.71
C TYR A 173 7.76 15.95 -13.28
N GLN A 174 6.86 15.76 -14.24
CA GLN A 174 5.57 15.17 -13.89
C GLN A 174 5.70 13.68 -13.62
N ALA A 175 6.57 13.00 -14.35
CA ALA A 175 6.75 11.55 -14.17
C ALA A 175 7.27 11.23 -12.77
N VAL A 176 8.15 12.07 -12.22
CA VAL A 176 8.68 11.79 -10.89
C VAL A 176 7.59 11.87 -9.85
N VAL A 177 6.70 12.84 -9.97
CA VAL A 177 5.64 12.99 -8.97
C VAL A 177 4.65 11.83 -9.07
N SER A 178 4.26 11.47 -10.30
CA SER A 178 3.38 10.31 -10.47
C SER A 178 4.03 9.06 -9.92
N GLY A 179 5.32 8.88 -10.17
CA GLY A 179 6.01 7.71 -9.65
C GLY A 179 5.97 7.65 -8.14
N ILE A 180 6.29 8.77 -7.49
CA ILE A 180 6.25 8.82 -6.02
C ILE A 180 4.84 8.55 -5.50
N ALA A 181 3.83 9.12 -6.15
CA ALA A 181 2.46 8.85 -5.69
C ALA A 181 2.15 7.36 -5.74
N GLU A 182 2.59 6.67 -6.79
CA GLU A 182 2.37 5.23 -6.89
C GLU A 182 3.11 4.49 -5.78
N GLY A 183 4.39 4.83 -5.53
CA GLY A 183 5.08 4.18 -4.43
C GLY A 183 4.39 4.43 -3.10
N TYR A 184 4.01 5.68 -2.84
CA TYR A 184 3.39 6.04 -1.57
C TYR A 184 2.09 5.30 -1.37
N LYS A 185 1.33 5.10 -2.43
CA LYS A 185 0.03 4.37 -2.34
C LYS A 185 0.30 2.97 -1.77
N ARG A 186 1.41 2.36 -2.18
CA ARG A 186 1.75 1.00 -1.77
C ARG A 186 2.52 0.93 -0.46
N PHE A 187 3.18 2.01 -0.05
CA PHE A 187 4.09 1.97 1.11
C PHE A 187 4.14 3.39 1.70
N ALA A 188 3.09 3.75 2.42
CA ALA A 188 2.93 5.13 2.89
C ALA A 188 3.86 5.52 4.03
N THR A 189 4.55 4.57 4.65
CA THR A 189 5.39 4.87 5.80
C THR A 189 6.86 4.92 5.45
N GLY A 190 7.21 4.58 4.22
CA GLY A 190 8.61 4.63 3.82
C GLY A 190 9.12 6.06 3.70
N THR A 191 10.45 6.20 3.73
CA THR A 191 11.08 7.49 3.49
C THR A 191 11.49 7.58 2.03
N TYR A 192 10.98 8.58 1.34
CA TYR A 192 11.26 8.81 -0.07
C TYR A 192 12.13 10.04 -0.17
N ALA A 193 13.27 9.91 -0.87
CA ALA A 193 14.18 11.03 -1.02
C ALA A 193 14.37 11.27 -2.52
N LEU A 194 13.92 12.43 -2.99
CA LEU A 194 13.93 12.80 -4.40
C LEU A 194 14.96 13.90 -4.63
N TRP A 195 15.95 13.65 -5.49
CA TRP A 195 16.89 14.70 -5.85
C TRP A 195 16.34 15.47 -7.05
N TYR A 196 16.52 16.79 -7.04
CA TYR A 196 16.13 17.62 -8.18
C TYR A 196 17.18 18.68 -8.45
N PRO A 197 17.36 19.05 -9.72
CA PRO A 197 18.17 20.23 -10.05
C PRO A 197 17.30 21.48 -10.19
N VAL A 198 17.95 22.62 -9.99
CA VAL A 198 17.32 23.92 -10.24
C VAL A 198 18.03 24.56 -11.42
N VAL A 199 17.35 24.54 -12.56
CA VAL A 199 17.73 25.34 -13.72
C VAL A 199 16.77 26.51 -13.89
N LEU A 200 15.50 26.23 -14.13
CA LEU A 200 14.44 27.24 -14.13
C LEU A 200 13.61 27.04 -12.86
N ARG A 201 13.67 28.02 -11.96
CA ARG A 201 12.96 27.89 -10.68
C ARG A 201 11.48 27.60 -10.90
N GLN A 202 10.87 28.20 -11.92
CA GLN A 202 9.44 27.99 -12.17
C GLN A 202 9.11 26.53 -12.37
N GLN A 203 10.02 25.75 -12.95
CA GLN A 203 9.76 24.33 -13.15
C GLN A 203 9.75 23.58 -11.83
N ILE A 204 10.64 23.96 -10.91
CA ILE A 204 10.65 23.33 -9.60
C ILE A 204 9.39 23.72 -8.83
N LYS A 205 9.02 25.00 -8.89
CA LYS A 205 7.79 25.45 -8.23
C LYS A 205 6.59 24.63 -8.68
N ARG A 206 6.49 24.37 -9.98
CA ARG A 206 5.35 23.60 -10.47
C ARG A 206 5.43 22.14 -10.04
N MET A 207 6.63 21.55 -10.07
CA MET A 207 6.77 20.17 -9.58
C MET A 207 6.33 20.07 -8.12
N ILE A 208 6.71 21.04 -7.30
CA ILE A 208 6.37 20.96 -5.88
C ILE A 208 4.87 21.10 -5.67
N HIS A 209 4.23 22.00 -6.42
CA HIS A 209 2.77 22.07 -6.39
C HIS A 209 2.14 20.74 -6.80
N ASP A 210 2.66 20.13 -7.85
CA ASP A 210 2.17 18.82 -8.26
C ASP A 210 2.32 17.81 -7.13
N LEU A 211 3.46 17.85 -6.43
CA LEU A 211 3.66 16.92 -5.32
C LEU A 211 2.66 17.19 -4.19
N GLU A 212 2.42 18.46 -3.87
CA GLU A 212 1.41 18.77 -2.85
C GLU A 212 0.04 18.28 -3.29
N ALA A 213 -0.26 18.38 -4.58
CA ALA A 213 -1.60 18.03 -5.04
C ALA A 213 -1.89 16.54 -4.87
N THR A 214 -0.87 15.71 -4.60
CA THR A 214 -1.09 14.30 -4.33
C THR A 214 -1.74 14.05 -2.98
N GLY A 215 -1.75 15.03 -2.09
CA GLY A 215 -2.24 14.84 -0.74
C GLY A 215 -1.24 14.24 0.24
N ILE A 216 -0.02 13.95 -0.20
CA ILE A 216 0.98 13.39 0.71
C ILE A 216 1.41 14.43 1.73
N ARG A 217 1.50 14.04 2.99
CA ARG A 217 1.87 14.94 4.07
C ARG A 217 3.31 14.69 4.48
N LYS A 218 3.86 15.62 5.27
CA LYS A 218 5.18 15.45 5.89
C LYS A 218 6.29 15.42 4.85
N ILE A 219 6.44 16.51 4.11
CA ILE A 219 7.39 16.61 3.01
C ILE A 219 8.37 17.72 3.33
N LEU A 220 9.65 17.37 3.45
CA LEU A 220 10.72 18.31 3.80
C LEU A 220 11.51 18.64 2.53
N GLN A 221 11.96 19.89 2.43
CA GLN A 221 12.76 20.36 1.31
C GLN A 221 14.10 20.85 1.82
N ILE A 222 15.19 20.30 1.27
CA ILE A 222 16.56 20.66 1.62
C ILE A 222 17.23 21.12 0.33
N GLU A 223 17.69 22.37 0.29
CA GLU A 223 18.22 22.90 -0.96
C GLU A 223 19.53 23.63 -0.72
N LEU A 224 20.48 23.42 -1.61
CA LEU A 224 21.75 24.14 -1.57
C LEU A 224 21.99 24.75 -2.94
N ALA A 225 22.12 26.07 -2.97
CA ALA A 225 22.34 26.83 -4.20
C ALA A 225 23.75 27.41 -4.16
N VAL A 226 24.48 27.26 -5.25
CA VAL A 226 25.81 27.85 -5.35
C VAL A 226 25.78 29.21 -6.05
N LEU A 227 24.69 29.53 -6.73
CA LEU A 227 24.45 30.84 -7.34
C LEU A 227 22.97 31.17 -7.16
N PRO A 228 22.61 32.45 -7.18
CA PRO A 228 21.19 32.80 -7.21
C PRO A 228 20.50 32.23 -8.44
N ASP A 229 19.19 32.00 -8.30
CA ASP A 229 18.37 31.57 -9.43
C ASP A 229 18.68 32.43 -10.65
N SER A 230 18.79 31.80 -11.81
CA SER A 230 19.17 32.50 -13.03
C SER A 230 18.39 31.98 -14.24
N ASP A 231 18.47 32.76 -15.32
CA ASP A 231 17.80 32.46 -16.59
C ASP A 231 18.69 31.70 -17.56
N ARG A 232 20.01 31.72 -17.38
CA ARG A 232 20.91 31.15 -18.36
C ARG A 232 22.28 30.81 -17.77
N ARG A 233 22.29 30.30 -16.52
CA ARG A 233 23.52 29.83 -15.90
C ARG A 233 23.52 28.32 -15.69
N GLY A 234 22.60 27.59 -16.31
CA GLY A 234 22.56 26.15 -16.11
C GLY A 234 22.04 25.82 -14.73
N MET A 235 22.54 24.72 -14.16
CA MET A 235 22.10 24.30 -12.83
C MET A 235 22.76 25.19 -11.78
N THR A 236 21.95 26.00 -11.09
CA THR A 236 22.48 26.89 -10.06
C THR A 236 22.31 26.33 -8.65
N ALA A 237 21.52 25.27 -8.50
CA ALA A 237 21.21 24.72 -7.19
C ALA A 237 20.71 23.30 -7.37
N SER A 238 20.58 22.59 -6.26
CA SER A 238 19.94 21.30 -6.25
C SER A 238 19.37 21.07 -4.87
N GLY A 239 18.44 20.11 -4.77
CA GLY A 239 17.86 19.82 -3.47
C GLY A 239 17.44 18.39 -3.32
N MET A 240 17.00 18.10 -2.10
CA MET A 240 16.43 16.81 -1.75
C MET A 240 15.06 17.09 -1.17
N ILE A 241 14.02 16.50 -1.75
CA ILE A 241 12.69 16.48 -1.18
C ILE A 241 12.53 15.14 -0.47
N VAL A 242 12.24 15.18 0.83
CA VAL A 242 12.17 13.97 1.64
C VAL A 242 10.76 13.84 2.19
N ILE A 243 10.06 12.79 1.77
CA ILE A 243 8.79 12.39 2.36
C ILE A 243 9.06 11.48 3.55
N ASN A 244 8.42 11.78 4.69
CA ASN A 244 8.63 11.00 5.92
C ASN A 244 10.10 11.03 6.33
N PRO A 245 10.67 12.22 6.50
CA PRO A 245 12.06 12.30 6.98
C PRO A 245 12.16 11.76 8.40
N PRO A 246 13.28 11.14 8.75
CA PRO A 246 13.56 10.87 10.16
C PRO A 246 13.43 12.16 10.97
N TRP A 247 12.98 12.03 12.23
CA TRP A 247 12.69 13.22 13.00
C TRP A 247 13.92 14.11 13.17
N LYS A 248 15.13 13.53 13.17
CA LYS A 248 16.36 14.28 13.38
C LYS A 248 16.81 15.06 12.15
N LEU A 249 16.30 14.74 10.96
CA LEU A 249 16.95 15.22 9.75
C LEU A 249 16.90 16.75 9.63
N GLU A 250 15.76 17.36 9.97
CA GLU A 250 15.68 18.82 9.85
C GLU A 250 16.78 19.49 10.67
N GLN A 251 16.96 19.06 11.92
CA GLN A 251 17.99 19.66 12.76
C GLN A 251 19.38 19.31 12.28
N GLN A 252 19.59 18.06 11.83
CA GLN A 252 20.91 17.72 11.30
C GLN A 252 21.27 18.63 10.14
N MET A 253 20.32 18.91 9.26
CA MET A 253 20.64 19.76 8.12
C MET A 253 20.85 21.21 8.55
N ASN A 254 20.07 21.67 9.55
CA ASN A 254 20.33 23.00 10.09
C ASN A 254 21.73 23.09 10.70
N ASN A 255 22.24 22.00 11.26
CA ASN A 255 23.58 22.00 11.83
C ASN A 255 24.65 22.08 10.75
N VAL A 256 24.45 21.39 9.62
CA VAL A 256 25.52 21.20 8.66
C VAL A 256 25.45 22.12 7.45
N LEU A 257 24.27 22.67 7.13
CA LEU A 257 24.19 23.39 5.85
C LEU A 257 25.02 24.66 5.82
N PRO A 258 25.10 25.41 6.91
CA PRO A 258 25.95 26.62 6.86
C PRO A 258 27.42 26.31 6.65
N TRP A 259 27.94 25.29 7.32
CA TRP A 259 29.32 24.84 7.10
C TRP A 259 29.50 24.35 5.68
N LEU A 260 28.60 23.48 5.21
CA LEU A 260 28.70 22.95 3.86
C LEU A 260 28.72 24.06 2.84
N HIS A 261 27.78 25.01 2.96
CA HIS A 261 27.75 26.11 2.00
C HIS A 261 29.03 26.93 2.06
N SER A 262 29.56 27.18 3.26
CA SER A 262 30.78 27.96 3.36
C SER A 262 31.97 27.27 2.70
N LYS A 263 32.02 25.94 2.73
CA LYS A 263 33.16 25.25 2.14
C LYS A 263 32.98 25.05 0.64
N LEU A 264 31.76 24.72 0.22
CA LEU A 264 31.49 24.49 -1.20
C LEU A 264 31.48 25.78 -1.99
N VAL A 265 31.10 26.89 -1.37
CA VAL A 265 30.93 28.16 -2.09
C VAL A 265 31.70 29.24 -1.35
N PRO A 266 33.02 29.31 -1.54
CA PRO A 266 33.81 30.31 -0.81
C PRO A 266 33.34 31.73 -1.04
N ALA A 267 32.80 32.02 -2.21
CA ALA A 267 32.32 33.37 -2.52
C ALA A 267 31.03 33.71 -1.79
N GLY A 268 30.39 32.75 -1.12
CA GLY A 268 29.21 33.04 -0.33
C GLY A 268 27.94 33.27 -1.12
N THR A 269 27.94 32.98 -2.42
CA THR A 269 26.75 33.17 -3.24
C THR A 269 25.77 32.01 -3.06
N GLY A 270 24.51 32.27 -3.38
CA GLY A 270 23.49 31.24 -3.23
C GLY A 270 22.92 31.20 -1.82
N HIS A 271 22.50 29.99 -1.46
CA HIS A 271 21.86 29.81 -0.13
C HIS A 271 21.85 28.33 0.24
N ALA A 272 21.48 28.05 1.48
CA ALA A 272 21.32 26.67 1.92
C ALA A 272 20.21 26.65 2.96
N THR A 273 19.10 25.97 2.64
CA THR A 273 17.89 26.13 3.45
C THR A 273 17.24 24.77 3.69
N VAL A 274 16.49 24.71 4.78
CA VAL A 274 15.68 23.55 5.12
C VAL A 274 14.30 24.07 5.52
N SER A 275 13.26 23.51 4.93
CA SER A 275 11.90 23.96 5.24
C SER A 275 10.91 22.86 4.87
N TRP A 276 9.66 23.06 5.30
CA TRP A 276 8.60 22.08 5.09
C TRP A 276 7.74 22.50 3.90
N ILE A 277 7.61 21.61 2.92
CA ILE A 277 6.65 21.81 1.85
C ILE A 277 5.23 21.55 2.36
N VAL A 278 5.04 20.42 3.03
CA VAL A 278 3.76 20.09 3.67
C VAL A 278 4.06 19.57 5.06
N PRO A 279 3.43 20.10 6.11
CA PRO A 279 3.72 19.58 7.45
C PRO A 279 3.11 18.21 7.68
N GLU A 280 3.36 17.64 8.84
CA GLU A 280 2.69 16.43 9.29
C GLU A 280 1.17 16.58 9.15
N SER B 3 -5.06 -22.60 -12.56
CA SER B 3 -4.61 -21.28 -12.16
C SER B 3 -5.70 -20.57 -11.35
N TYR B 4 -5.33 -19.95 -10.24
CA TYR B 4 -6.33 -19.24 -9.45
C TYR B 4 -6.85 -18.03 -10.21
N ARG B 5 -8.09 -17.65 -9.89
CA ARG B 5 -8.74 -16.53 -10.56
C ARG B 5 -8.16 -15.20 -10.13
N HIS B 6 -7.87 -14.34 -11.10
CA HIS B 6 -7.44 -12.95 -10.83
C HIS B 6 -8.70 -12.07 -10.80
N SER B 7 -8.68 -11.02 -10.01
CA SER B 7 -9.79 -10.10 -9.88
C SER B 7 -9.23 -8.70 -9.72
N PHE B 8 -9.75 -7.76 -10.50
CA PHE B 8 -9.33 -6.38 -10.31
C PHE B 8 -9.86 -5.81 -9.00
N HIS B 9 -11.08 -6.17 -8.63
CA HIS B 9 -11.76 -5.57 -7.46
C HIS B 9 -11.50 -6.34 -6.15
N ALA B 10 -10.88 -7.51 -6.21
CA ALA B 10 -10.82 -8.35 -5.02
C ALA B 10 -10.07 -7.66 -3.88
N GLY B 11 -10.62 -7.75 -2.68
CA GLY B 11 -9.97 -7.15 -1.54
C GLY B 11 -10.21 -5.66 -1.36
N ASN B 12 -11.14 -5.08 -2.12
CA ASN B 12 -11.44 -3.65 -1.99
C ASN B 12 -12.30 -3.39 -0.75
N HIS B 13 -12.81 -2.16 -0.62
CA HIS B 13 -13.52 -1.79 0.60
C HIS B 13 -14.74 -2.67 0.80
N ALA B 14 -15.40 -3.07 -0.29
CA ALA B 14 -16.66 -3.81 -0.16
C ALA B 14 -16.39 -5.22 0.35
N ASP B 15 -15.30 -5.83 -0.11
CA ASP B 15 -14.91 -7.14 0.40
C ASP B 15 -14.50 -7.05 1.85
N VAL B 16 -13.78 -5.98 2.23
CA VAL B 16 -13.40 -5.81 3.62
C VAL B 16 -14.64 -5.76 4.52
N LEU B 17 -15.63 -4.95 4.12
CA LEU B 17 -16.85 -4.84 4.92
C LEU B 17 -17.58 -6.18 4.99
N LYS B 18 -17.78 -6.81 3.83
CA LYS B 18 -18.55 -8.06 3.75
C LYS B 18 -17.93 -9.15 4.60
N HIS B 19 -16.60 -9.34 4.50
CA HIS B 19 -15.96 -10.44 5.19
C HIS B 19 -15.72 -10.13 6.66
N THR B 20 -15.58 -8.86 7.02
CA THR B 20 -15.61 -8.49 8.44
C THR B 20 -16.93 -8.94 9.06
N VAL B 21 -18.05 -8.59 8.43
CA VAL B 21 -19.36 -8.94 8.97
C VAL B 21 -19.56 -10.45 9.00
N GLN B 22 -19.20 -11.11 7.90
CA GLN B 22 -19.29 -12.57 7.84
C GLN B 22 -18.52 -13.22 8.99
N SER B 23 -17.29 -12.75 9.23
CA SER B 23 -16.46 -13.38 10.25
C SER B 23 -17.04 -13.15 11.64
N LEU B 24 -17.59 -11.96 11.89
CA LEU B 24 -18.16 -11.68 13.19
C LEU B 24 -19.40 -12.53 13.45
N ILE B 25 -20.23 -12.74 12.43
CA ILE B 25 -21.41 -13.57 12.63
C ILE B 25 -21.01 -15.01 12.92
N ILE B 26 -20.02 -15.52 12.17
CA ILE B 26 -19.55 -16.88 12.39
C ILE B 26 -19.00 -17.06 13.80
N GLU B 27 -18.22 -16.07 14.27
CA GLU B 27 -17.64 -16.20 15.60
C GLU B 27 -18.72 -16.19 16.67
N SER B 28 -19.83 -15.46 16.44
CA SER B 28 -20.94 -15.51 17.38
C SER B 28 -21.65 -16.86 17.33
N LEU B 29 -21.87 -17.40 16.13
CA LEU B 29 -22.52 -18.70 16.05
C LEU B 29 -21.69 -19.79 16.72
N LYS B 30 -20.36 -19.65 16.72
CA LYS B 30 -19.52 -20.66 17.34
C LYS B 30 -19.58 -20.64 18.86
N GLU B 31 -20.22 -19.65 19.46
CA GLU B 31 -20.33 -19.57 20.91
C GLU B 31 -21.16 -20.71 21.48
N LYS B 32 -22.00 -21.35 20.68
CA LYS B 32 -22.78 -22.51 21.07
C LYS B 32 -22.18 -23.75 20.43
N ASP B 33 -21.99 -24.81 21.22
CA ASP B 33 -21.30 -25.99 20.73
C ASP B 33 -22.06 -26.73 19.62
N LYS B 34 -23.38 -26.59 19.57
CA LYS B 34 -24.13 -27.33 18.58
C LYS B 34 -23.74 -26.87 17.17
N PRO B 35 -23.76 -27.78 16.20
CA PRO B 35 -23.33 -27.44 14.84
C PRO B 35 -24.25 -26.42 14.18
N PHE B 36 -23.70 -25.76 13.16
CA PHE B 36 -24.53 -24.88 12.33
C PHE B 36 -24.07 -25.02 10.89
N LEU B 37 -24.90 -24.50 9.99
CA LEU B 37 -24.69 -24.55 8.55
C LEU B 37 -24.23 -23.19 8.07
N TYR B 38 -23.22 -23.17 7.21
CA TYR B 38 -22.85 -21.96 6.47
C TYR B 38 -23.31 -22.18 5.03
N LEU B 39 -24.25 -21.37 4.56
CA LEU B 39 -24.79 -21.51 3.21
C LEU B 39 -24.43 -20.29 2.40
N ASP B 40 -23.66 -20.47 1.32
CA ASP B 40 -23.13 -19.40 0.49
C ASP B 40 -23.80 -19.55 -0.86
N THR B 41 -24.82 -18.71 -1.13
CA THR B 41 -25.62 -18.89 -2.35
C THR B 41 -24.84 -18.59 -3.62
N HIS B 42 -23.93 -17.62 -3.56
CA HIS B 42 -23.18 -17.11 -4.70
C HIS B 42 -21.72 -17.10 -4.26
N ALA B 43 -21.09 -18.26 -4.35
CA ALA B 43 -19.85 -18.49 -3.61
C ALA B 43 -18.59 -18.07 -4.35
N GLY B 44 -18.65 -17.87 -5.66
CA GLY B 44 -17.47 -17.43 -6.39
C GLY B 44 -16.40 -18.52 -6.53
N ALA B 45 -15.17 -18.06 -6.79
CA ALA B 45 -14.06 -18.97 -7.05
C ALA B 45 -13.44 -19.56 -5.80
N GLY B 46 -13.61 -18.91 -4.64
CA GLY B 46 -13.01 -19.38 -3.40
C GLY B 46 -11.87 -18.53 -2.90
N ARG B 47 -11.00 -18.11 -3.81
CA ARG B 47 -9.94 -17.16 -3.50
C ARG B 47 -9.63 -16.41 -4.78
N TYR B 48 -8.92 -15.29 -4.62
CA TYR B 48 -8.55 -14.47 -5.76
C TYR B 48 -7.07 -14.16 -5.66
N GLN B 49 -6.35 -14.42 -6.76
CA GLN B 49 -4.94 -14.10 -6.81
C GLN B 49 -4.76 -12.62 -7.17
N LEU B 50 -4.01 -11.89 -6.34
CA LEU B 50 -3.99 -10.44 -6.42
C LEU B 50 -3.01 -9.93 -7.47
N GLY B 51 -2.14 -10.77 -8.01
CA GLY B 51 -1.27 -10.37 -9.09
C GLY B 51 -0.44 -11.49 -9.70
N ARG B 57 0.53 -6.89 -7.89
CA ARG B 57 1.07 -5.53 -8.20
C ARG B 57 -0.12 -4.53 -8.10
N THR B 58 -0.81 -4.20 -9.21
CA THR B 58 -1.96 -3.25 -9.23
C THR B 58 -3.25 -3.99 -8.85
N GLY B 59 -4.27 -3.27 -8.45
CA GLY B 59 -5.59 -3.84 -8.08
C GLY B 59 -6.19 -3.02 -6.95
N GLU B 60 -7.50 -3.05 -6.79
CA GLU B 60 -8.18 -2.29 -5.75
C GLU B 60 -7.84 -2.77 -4.33
N TYR B 61 -7.26 -3.96 -4.19
CA TYR B 61 -6.87 -4.39 -2.86
C TYR B 61 -5.91 -3.40 -2.22
N LEU B 62 -5.17 -2.65 -3.05
CA LEU B 62 -4.24 -1.69 -2.51
C LEU B 62 -4.94 -0.59 -1.72
N GLU B 63 -6.22 -0.33 -2.02
CA GLU B 63 -7.02 0.66 -1.33
C GLU B 63 -7.93 0.05 -0.28
N GLY B 64 -7.95 -1.28 -0.17
CA GLY B 64 -8.77 -1.94 0.82
C GLY B 64 -7.97 -2.74 1.83
N ILE B 65 -7.88 -4.05 1.62
CA ILE B 65 -7.30 -4.93 2.62
C ILE B 65 -5.87 -4.53 2.93
N ALA B 66 -5.14 -4.05 1.92
CA ALA B 66 -3.75 -3.63 2.12
C ALA B 66 -3.66 -2.51 3.15
N ARG B 67 -4.71 -1.68 3.27
CA ARG B 67 -4.64 -0.56 4.20
C ARG B 67 -4.94 -0.93 5.65
N ILE B 68 -5.34 -2.18 5.94
CA ILE B 68 -5.71 -2.51 7.32
C ILE B 68 -4.94 -3.71 7.87
N TRP B 69 -4.50 -4.63 7.00
CA TRP B 69 -4.20 -5.97 7.55
C TRP B 69 -2.94 -6.01 8.40
N GLN B 70 -2.05 -5.03 8.28
CA GLN B 70 -0.85 -5.01 9.11
C GLN B 70 -0.78 -3.80 10.02
N GLN B 71 -1.87 -3.05 10.15
CA GLN B 71 -1.92 -1.95 11.09
C GLN B 71 -1.70 -2.44 12.51
N ASP B 72 -0.83 -1.76 13.24
CA ASP B 72 -0.56 -2.17 14.62
C ASP B 72 -1.71 -1.88 15.56
N ASP B 73 -2.61 -0.96 15.18
CA ASP B 73 -3.78 -0.64 15.99
C ASP B 73 -5.04 -1.34 15.47
N LEU B 74 -4.89 -2.53 14.89
CA LEU B 74 -6.04 -3.28 14.38
C LEU B 74 -7.07 -3.52 15.48
N PRO B 75 -8.32 -3.08 15.31
CA PRO B 75 -9.35 -3.34 16.33
C PRO B 75 -9.57 -4.84 16.54
N ALA B 76 -9.93 -5.18 17.79
CA ALA B 76 -10.12 -6.58 18.14
C ALA B 76 -11.20 -7.24 17.28
N GLU B 77 -12.23 -6.50 16.91
CA GLU B 77 -13.32 -7.08 16.13
C GLU B 77 -12.89 -7.53 14.73
N LEU B 78 -11.70 -7.13 14.28
CA LEU B 78 -11.23 -7.53 12.96
C LEU B 78 -10.25 -8.69 13.01
N GLU B 79 -9.95 -9.21 14.21
CA GLU B 79 -8.86 -10.17 14.34
C GLU B 79 -9.18 -11.50 13.67
N ALA B 80 -10.42 -11.99 13.81
CA ALA B 80 -10.75 -13.27 13.19
C ALA B 80 -10.61 -13.20 11.67
N TYR B 81 -11.12 -12.12 11.08
CA TYR B 81 -11.02 -11.92 9.64
C TYR B 81 -9.57 -11.77 9.19
N ILE B 82 -8.83 -10.84 9.82
CA ILE B 82 -7.46 -10.58 9.40
C ILE B 82 -6.57 -11.79 9.62
N ASN B 83 -6.86 -12.61 10.63
CA ASN B 83 -6.04 -13.80 10.83
C ASN B 83 -6.27 -14.84 9.73
N VAL B 84 -7.44 -14.85 9.11
CA VAL B 84 -7.61 -15.71 7.93
C VAL B 84 -6.81 -15.16 6.76
N VAL B 85 -6.83 -13.84 6.57
CA VAL B 85 -6.00 -13.25 5.52
C VAL B 85 -4.52 -13.58 5.75
N LYS B 86 -4.06 -13.47 7.00
CA LYS B 86 -2.66 -13.78 7.29
C LYS B 86 -2.36 -15.27 7.07
N HIS B 87 -3.29 -16.15 7.41
CA HIS B 87 -3.14 -17.61 7.20
C HIS B 87 -2.76 -17.85 5.73
N PHE B 88 -3.42 -17.14 4.80
CA PHE B 88 -3.15 -17.38 3.39
C PHE B 88 -2.01 -16.55 2.85
N ASN B 89 -1.36 -15.71 3.67
CA ASN B 89 -0.29 -14.82 3.22
C ASN B 89 0.76 -14.69 4.31
N ARG B 90 1.30 -15.83 4.76
CA ARG B 90 2.21 -15.83 5.89
C ARG B 90 3.55 -15.19 5.56
N SER B 91 3.89 -15.05 4.28
CA SER B 91 5.14 -14.36 3.91
C SER B 91 5.11 -12.88 4.30
N GLY B 92 3.92 -12.32 4.56
CA GLY B 92 3.78 -10.92 4.83
C GLY B 92 3.55 -10.05 3.60
N GLN B 93 3.47 -10.66 2.42
CA GLN B 93 3.08 -9.96 1.21
C GLN B 93 1.71 -10.46 0.77
N LEU B 94 0.89 -9.57 0.24
CA LEU B 94 -0.47 -9.95 -0.15
C LEU B 94 -0.42 -10.63 -1.52
N ARG B 95 -0.69 -11.93 -1.54
CA ARG B 95 -0.75 -12.73 -2.75
C ARG B 95 -2.13 -13.28 -3.04
N TYR B 96 -2.87 -13.69 -2.00
CA TYR B 96 -4.17 -14.32 -2.15
C TYR B 96 -5.19 -13.59 -1.31
N TYR B 97 -6.33 -13.26 -1.90
CA TYR B 97 -7.41 -12.73 -1.08
C TYR B 97 -8.43 -13.84 -0.89
N PRO B 98 -8.67 -14.29 0.35
CA PRO B 98 -9.63 -15.37 0.58
C PRO B 98 -11.06 -14.91 0.38
N GLY B 99 -11.84 -15.67 -0.38
CA GLY B 99 -13.25 -15.39 -0.57
C GLY B 99 -14.07 -15.89 0.59
N SER B 100 -15.36 -15.58 0.53
CA SER B 100 -16.25 -15.98 1.62
C SER B 100 -16.19 -17.49 1.88
N PRO B 101 -16.00 -18.35 0.87
CA PRO B 101 -15.96 -19.79 1.20
C PRO B 101 -14.75 -20.17 2.02
N LEU B 102 -13.60 -19.53 1.78
CA LEU B 102 -12.40 -19.87 2.55
C LEU B 102 -12.40 -19.22 3.92
N ILE B 103 -12.99 -18.03 4.05
CA ILE B 103 -13.21 -17.49 5.38
C ILE B 103 -14.03 -18.47 6.21
N ALA B 104 -15.12 -19.01 5.63
CA ALA B 104 -15.91 -20.02 6.32
C ALA B 104 -15.13 -21.32 6.56
N ARG B 105 -14.40 -21.80 5.53
CA ARG B 105 -13.66 -23.05 5.70
C ARG B 105 -12.71 -22.98 6.88
N GLN B 106 -12.08 -21.84 7.08
CA GLN B 106 -11.07 -21.71 8.13
C GLN B 106 -11.68 -21.39 9.49
N LEU B 107 -12.82 -20.71 9.53
CA LEU B 107 -13.41 -20.35 10.81
C LEU B 107 -14.38 -21.40 11.35
N LEU B 108 -15.04 -22.15 10.48
CA LEU B 108 -15.98 -23.17 10.96
C LEU B 108 -15.23 -24.29 11.66
N ARG B 109 -15.96 -24.98 12.52
CA ARG B 109 -15.41 -26.04 13.35
C ARG B 109 -15.59 -27.38 12.65
N GLU B 110 -15.00 -28.43 13.25
CA GLU B 110 -15.12 -29.74 12.61
C GLU B 110 -16.57 -30.21 12.51
N GLN B 111 -17.44 -29.79 13.44
CA GLN B 111 -18.82 -30.27 13.48
C GLN B 111 -19.76 -29.47 12.60
N ASP B 112 -19.29 -28.39 11.97
CA ASP B 112 -20.16 -27.53 11.20
C ASP B 112 -20.21 -27.98 9.74
N SER B 113 -21.16 -27.44 8.97
CA SER B 113 -21.35 -27.82 7.58
C SER B 113 -21.29 -26.59 6.67
N LEU B 114 -20.90 -26.81 5.42
CA LEU B 114 -20.85 -25.77 4.40
C LEU B 114 -21.60 -26.24 3.18
N GLN B 115 -22.43 -25.37 2.62
CA GLN B 115 -23.10 -25.65 1.36
C GLN B 115 -22.87 -24.45 0.46
N LEU B 116 -22.13 -24.67 -0.63
CA LEU B 116 -21.64 -23.61 -1.52
C LEU B 116 -22.15 -23.85 -2.92
N THR B 117 -22.63 -22.80 -3.57
CA THR B 117 -23.09 -22.89 -4.95
C THR B 117 -22.52 -21.76 -5.77
N GLU B 118 -22.24 -22.07 -7.04
CA GLU B 118 -21.75 -21.08 -7.99
C GLU B 118 -22.02 -21.61 -9.38
N LEU B 119 -22.69 -20.80 -10.22
CA LEU B 119 -22.98 -21.18 -11.61
C LEU B 119 -21.88 -20.80 -12.58
N HIS B 120 -21.00 -19.88 -12.22
CA HIS B 120 -19.99 -19.41 -13.15
C HIS B 120 -19.21 -20.60 -13.72
N PRO B 121 -19.11 -20.73 -15.05
CA PRO B 121 -18.57 -21.98 -15.61
C PRO B 121 -17.09 -22.18 -15.37
N SER B 122 -16.29 -21.13 -15.21
CA SER B 122 -14.88 -21.38 -14.94
C SER B 122 -14.49 -21.17 -13.49
N ASP B 123 -15.34 -20.54 -12.68
CA ASP B 123 -15.02 -20.41 -11.26
C ASP B 123 -15.57 -21.57 -10.43
N TYR B 124 -16.63 -22.22 -10.88
CA TYR B 124 -17.13 -23.40 -10.16
C TYR B 124 -16.06 -24.48 -10.00
N PRO B 125 -15.31 -24.86 -11.03
CA PRO B 125 -14.28 -25.89 -10.83
C PRO B 125 -13.20 -25.46 -9.86
N LEU B 126 -12.83 -24.18 -9.83
CA LEU B 126 -11.89 -23.68 -8.83
C LEU B 126 -12.48 -23.83 -7.43
N LEU B 127 -13.76 -23.49 -7.28
CA LEU B 127 -14.42 -23.63 -5.99
C LEU B 127 -14.44 -25.08 -5.54
N ARG B 128 -14.80 -25.99 -6.45
CA ARG B 128 -14.77 -27.42 -6.17
C ARG B 128 -13.42 -27.84 -5.61
N SER B 129 -12.36 -27.39 -6.27
CA SER B 129 -11.02 -27.82 -5.89
C SER B 129 -10.65 -27.39 -4.48
N GLU B 130 -11.15 -26.23 -4.03
CA GLU B 130 -10.85 -25.77 -2.69
C GLU B 130 -11.45 -26.65 -1.60
N PHE B 131 -12.42 -27.51 -1.96
CA PHE B 131 -13.16 -28.28 -0.97
C PHE B 131 -13.15 -29.78 -1.23
N GLN B 132 -12.29 -30.23 -2.14
CA GLN B 132 -12.33 -31.64 -2.62
C GLN B 132 -12.19 -32.63 -1.45
N LYS B 133 -11.36 -32.34 -0.46
CA LYS B 133 -11.10 -33.26 0.70
C LYS B 133 -11.86 -32.77 1.95
N ASP B 134 -12.67 -31.70 1.88
CA ASP B 134 -13.35 -31.19 3.07
C ASP B 134 -14.73 -31.85 3.15
N SER B 135 -14.86 -32.88 3.98
CA SER B 135 -16.10 -33.63 4.04
C SER B 135 -17.25 -32.84 4.63
N ARG B 136 -16.96 -31.70 5.28
CA ARG B 136 -18.02 -30.84 5.79
C ARG B 136 -18.73 -30.09 4.67
N ALA B 137 -18.10 -30.02 3.50
CA ALA B 137 -18.60 -29.15 2.42
C ALA B 137 -19.27 -29.89 1.26
N ARG B 138 -20.29 -29.25 0.71
CA ARG B 138 -20.95 -29.73 -0.51
C ARG B 138 -20.87 -28.54 -1.48
N VAL B 139 -20.38 -28.75 -2.68
CA VAL B 139 -20.21 -27.67 -3.68
C VAL B 139 -21.02 -28.09 -4.90
N GLU B 140 -21.93 -27.24 -5.36
CA GLU B 140 -22.82 -27.56 -6.47
C GLU B 140 -22.84 -26.41 -7.47
N LYS B 141 -22.98 -26.77 -8.75
CA LYS B 141 -23.12 -25.79 -9.83
C LYS B 141 -24.60 -25.56 -10.04
N ALA B 142 -25.17 -24.62 -9.29
CA ALA B 142 -26.61 -24.49 -9.19
C ALA B 142 -26.97 -23.05 -8.84
N ASP B 143 -28.20 -22.67 -9.17
CA ASP B 143 -28.67 -21.32 -8.91
C ASP B 143 -28.71 -21.03 -7.41
N GLY B 144 -28.18 -19.87 -7.03
CA GLY B 144 -28.05 -19.57 -5.61
C GLY B 144 -29.37 -19.33 -4.91
N PHE B 145 -30.27 -18.60 -5.55
CA PHE B 145 -31.55 -18.33 -4.92
C PHE B 145 -32.39 -19.59 -4.77
N GLN B 146 -32.27 -20.53 -5.72
CA GLN B 146 -32.94 -21.81 -5.59
C GLN B 146 -32.46 -22.59 -4.37
N GLN B 147 -31.23 -22.35 -3.91
CA GLN B 147 -30.76 -23.01 -2.69
C GLN B 147 -31.52 -22.55 -1.46
N LEU B 148 -32.12 -21.36 -1.49
CA LEU B 148 -32.91 -20.89 -0.36
C LEU B 148 -34.21 -21.69 -0.21
N LYS B 149 -34.60 -22.43 -1.25
CA LYS B 149 -35.74 -23.35 -1.19
C LYS B 149 -35.32 -24.81 -0.97
N ALA B 150 -34.16 -25.20 -1.47
CA ALA B 150 -33.76 -26.61 -1.44
C ALA B 150 -33.05 -26.99 -0.15
N LYS B 151 -32.34 -26.06 0.47
CA LYS B 151 -31.42 -26.39 1.55
C LYS B 151 -31.86 -25.89 2.92
N LEU B 152 -32.99 -25.22 3.02
CA LEU B 152 -33.46 -24.70 4.29
C LEU B 152 -34.81 -25.32 4.64
N PRO B 153 -35.08 -25.56 5.94
CA PRO B 153 -34.16 -25.34 7.06
C PRO B 153 -33.06 -26.39 7.13
N PRO B 154 -31.90 -26.03 7.68
CA PRO B 154 -30.83 -27.02 7.83
C PRO B 154 -31.19 -28.05 8.89
N VAL B 155 -30.69 -29.27 8.73
CA VAL B 155 -30.95 -30.35 9.71
C VAL B 155 -30.48 -29.87 11.09
N SER B 156 -29.40 -29.08 11.15
CA SER B 156 -28.91 -28.59 12.44
C SER B 156 -29.77 -27.48 13.03
N ARG B 157 -30.65 -26.86 12.22
CA ARG B 157 -31.52 -25.79 12.70
C ARG B 157 -30.73 -24.59 13.21
N ARG B 158 -29.51 -24.41 12.71
CA ARG B 158 -28.69 -23.23 13.00
C ARG B 158 -27.96 -22.87 11.72
N GLY B 159 -27.77 -21.58 11.45
CA GLY B 159 -27.04 -21.25 10.21
C GLY B 159 -26.83 -19.77 9.98
N LEU B 160 -25.80 -19.50 9.18
CA LEU B 160 -25.60 -18.23 8.50
C LEU B 160 -25.80 -18.47 7.01
N ILE B 161 -26.67 -17.68 6.39
CA ILE B 161 -26.88 -17.70 4.94
C ILE B 161 -26.32 -16.40 4.40
N LEU B 162 -25.24 -16.48 3.60
CA LEU B 162 -24.65 -15.30 2.97
C LEU B 162 -25.15 -15.24 1.54
N ILE B 163 -25.73 -14.10 1.17
CA ILE B 163 -26.22 -13.88 -0.19
C ILE B 163 -25.41 -12.74 -0.78
N ASP B 164 -24.61 -13.04 -1.79
CA ASP B 164 -23.63 -12.09 -2.32
C ASP B 164 -23.67 -12.11 -3.84
N PRO B 165 -24.73 -11.56 -4.45
CA PRO B 165 -25.01 -11.85 -5.86
C PRO B 165 -24.54 -10.73 -6.77
N PRO B 166 -24.47 -11.01 -8.07
CA PRO B 166 -24.30 -9.91 -9.04
C PRO B 166 -25.59 -9.11 -9.17
N TYR B 167 -25.43 -7.79 -9.23
CA TYR B 167 -26.55 -6.88 -9.48
C TYR B 167 -26.33 -6.22 -10.83
N GLU B 168 -27.15 -6.56 -11.81
CA GLU B 168 -27.05 -5.94 -13.14
C GLU B 168 -28.29 -5.19 -13.56
N MET B 169 -29.47 -5.64 -13.15
CA MET B 169 -30.75 -5.10 -13.57
C MET B 169 -31.58 -4.80 -12.34
N LYS B 170 -32.65 -4.02 -12.52
CA LYS B 170 -33.54 -3.75 -11.40
C LYS B 170 -34.21 -5.04 -10.90
N THR B 171 -34.52 -5.95 -11.81
CA THR B 171 -35.10 -7.23 -11.40
C THR B 171 -34.19 -7.95 -10.40
N ASP B 172 -32.88 -7.67 -10.42
CA ASP B 172 -31.98 -8.36 -9.50
C ASP B 172 -32.20 -7.93 -8.06
N TYR B 173 -32.47 -6.64 -7.84
CA TYR B 173 -32.78 -6.17 -6.50
C TYR B 173 -34.10 -6.76 -6.01
N GLN B 174 -35.04 -7.01 -6.91
CA GLN B 174 -36.27 -7.69 -6.51
C GLN B 174 -36.00 -9.16 -6.21
N ALA B 175 -35.09 -9.77 -6.97
CA ALA B 175 -34.77 -11.18 -6.79
C ALA B 175 -34.18 -11.46 -5.42
N VAL B 176 -33.28 -10.59 -4.93
CA VAL B 176 -32.68 -10.86 -3.62
C VAL B 176 -33.74 -10.82 -2.52
N VAL B 177 -34.74 -9.93 -2.63
CA VAL B 177 -35.75 -9.85 -1.57
C VAL B 177 -36.69 -11.06 -1.64
N SER B 178 -37.12 -11.43 -2.84
CA SER B 178 -37.98 -12.61 -2.97
C SER B 178 -37.23 -13.86 -2.53
N GLY B 179 -35.95 -13.96 -2.87
CA GLY B 179 -35.17 -15.10 -2.43
C GLY B 179 -35.06 -15.19 -0.92
N ILE B 180 -34.77 -14.05 -0.27
CA ILE B 180 -34.71 -14.02 1.19
C ILE B 180 -36.06 -14.41 1.79
N ALA B 181 -37.15 -13.90 1.24
CA ALA B 181 -38.45 -14.23 1.81
C ALA B 181 -38.71 -15.73 1.76
N GLU B 182 -38.30 -16.39 0.67
CA GLU B 182 -38.46 -17.85 0.57
C GLU B 182 -37.62 -18.57 1.61
N GLY B 183 -36.36 -18.15 1.79
CA GLY B 183 -35.54 -18.77 2.82
C GLY B 183 -36.11 -18.56 4.21
N TYR B 184 -36.49 -17.32 4.51
CA TYR B 184 -36.99 -16.99 5.84
C TYR B 184 -38.25 -17.78 6.16
N LYS B 185 -39.14 -17.93 5.16
CA LYS B 185 -40.34 -18.74 5.36
C LYS B 185 -39.99 -20.13 5.85
N ARG B 186 -38.91 -20.69 5.30
CA ARG B 186 -38.51 -22.05 5.64
C ARG B 186 -37.70 -22.11 6.92
N PHE B 187 -37.01 -21.02 7.27
CA PHE B 187 -36.01 -21.07 8.35
C PHE B 187 -35.97 -19.67 8.94
N ALA B 188 -36.98 -19.35 9.76
CA ALA B 188 -37.14 -17.97 10.24
C ALA B 188 -36.18 -17.58 11.35
N THR B 189 -35.44 -18.51 11.92
CA THR B 189 -34.49 -18.21 12.99
C THR B 189 -33.05 -18.09 12.49
N GLY B 190 -32.80 -18.37 11.22
CA GLY B 190 -31.46 -18.26 10.72
C GLY B 190 -31.01 -16.82 10.57
N THR B 191 -29.69 -16.65 10.45
CA THR B 191 -29.12 -15.33 10.21
C THR B 191 -28.88 -15.22 8.70
N TYR B 192 -29.46 -14.21 8.08
CA TYR B 192 -29.28 -13.95 6.65
C TYR B 192 -28.47 -12.68 6.46
N ALA B 193 -27.38 -12.76 5.70
CA ALA B 193 -26.54 -11.61 5.44
C ALA B 193 -26.48 -11.34 3.95
N LEU B 194 -26.98 -10.18 3.55
CA LEU B 194 -27.11 -9.81 2.15
C LEU B 194 -26.15 -8.66 1.84
N TRP B 195 -25.23 -8.87 0.91
CA TRP B 195 -24.35 -7.79 0.47
C TRP B 195 -24.99 -7.06 -0.70
N TYR B 196 -24.88 -5.72 -0.70
CA TYR B 196 -25.37 -4.90 -1.80
C TYR B 196 -24.41 -3.78 -2.15
N PRO B 197 -24.34 -3.41 -3.43
CA PRO B 197 -23.59 -2.21 -3.83
C PRO B 197 -24.52 -1.02 -3.92
N VAL B 198 -23.96 0.17 -3.68
CA VAL B 198 -24.68 1.42 -3.91
C VAL B 198 -24.12 2.05 -5.17
N VAL B 199 -24.91 2.07 -6.25
CA VAL B 199 -24.65 2.94 -7.38
C VAL B 199 -25.66 4.07 -7.41
N LEU B 200 -26.95 3.75 -7.47
CA LEU B 200 -28.00 4.75 -7.35
C LEU B 200 -28.77 4.48 -6.06
N ARG B 201 -28.78 5.46 -5.18
CA ARG B 201 -29.41 5.28 -3.87
C ARG B 201 -30.88 4.88 -4.01
N GLN B 202 -31.55 5.43 -5.03
CA GLN B 202 -32.98 5.15 -5.23
C GLN B 202 -33.23 3.65 -5.31
N GLN B 203 -32.36 2.91 -6.00
CA GLN B 203 -32.58 1.48 -6.13
C GLN B 203 -32.43 0.75 -4.79
N ILE B 204 -31.48 1.19 -3.97
CA ILE B 204 -31.30 0.56 -2.67
C ILE B 204 -32.47 0.88 -1.75
N LYS B 205 -32.99 2.11 -1.82
CA LYS B 205 -34.12 2.53 -0.97
C LYS B 205 -35.34 1.68 -1.35
N ARG B 206 -35.54 1.39 -2.64
CA ARG B 206 -36.64 0.54 -3.09
C ARG B 206 -36.44 -0.89 -2.62
N MET B 207 -35.22 -1.41 -2.77
CA MET B 207 -34.93 -2.76 -2.29
C MET B 207 -35.21 -2.87 -0.80
N ILE B 208 -34.84 -1.86 -0.02
CA ILE B 208 -35.05 -1.94 1.42
C ILE B 208 -36.53 -1.87 1.77
N HIS B 209 -37.29 -1.04 1.06
CA HIS B 209 -38.74 -1.01 1.27
C HIS B 209 -39.38 -2.34 0.93
N ASP B 210 -38.93 -2.97 -0.16
CA ASP B 210 -39.46 -4.29 -0.49
C ASP B 210 -39.17 -5.29 0.63
N LEU B 211 -37.99 -5.19 1.22
CA LEU B 211 -37.68 -6.05 2.36
C LEU B 211 -38.61 -5.77 3.54
N GLU B 212 -38.86 -4.50 3.83
CA GLU B 212 -39.79 -4.14 4.89
C GLU B 212 -41.17 -4.73 4.64
N ALA B 213 -41.61 -4.74 3.38
CA ALA B 213 -42.94 -5.19 3.02
C ALA B 213 -43.13 -6.69 3.20
N THR B 214 -42.05 -7.47 3.31
CA THR B 214 -42.17 -8.89 3.62
C THR B 214 -42.73 -9.14 5.00
N GLY B 215 -42.68 -8.16 5.90
CA GLY B 215 -43.04 -8.37 7.27
C GLY B 215 -41.95 -8.96 8.13
N ILE B 216 -40.80 -9.32 7.55
CA ILE B 216 -39.70 -9.86 8.34
C ILE B 216 -39.21 -8.80 9.32
N ARG B 217 -38.95 -9.20 10.56
CA ARG B 217 -38.50 -8.26 11.57
C ARG B 217 -37.04 -8.52 11.93
N LYS B 218 -36.47 -7.59 12.70
CA LYS B 218 -35.11 -7.69 13.19
C LYS B 218 -34.10 -7.63 12.04
N ILE B 219 -34.09 -6.52 11.32
CA ILE B 219 -33.26 -6.34 10.14
C ILE B 219 -32.30 -5.17 10.40
N LEU B 220 -31.01 -5.46 10.33
CA LEU B 220 -29.96 -4.48 10.59
C LEU B 220 -29.27 -4.10 9.28
N GLN B 221 -28.92 -2.83 9.13
CA GLN B 221 -28.22 -2.33 7.95
C GLN B 221 -26.86 -1.78 8.34
N ILE B 222 -25.81 -2.31 7.72
CA ILE B 222 -24.43 -1.89 7.95
C ILE B 222 -23.91 -1.38 6.61
N GLU B 223 -23.50 -0.11 6.55
CA GLU B 223 -23.09 0.46 5.28
C GLU B 223 -21.79 1.25 5.44
N LEU B 224 -20.87 1.06 4.48
CA LEU B 224 -19.64 1.84 4.41
C LEU B 224 -19.54 2.49 3.04
N ALA B 225 -19.54 3.82 3.03
CA ALA B 225 -19.44 4.58 1.79
C ALA B 225 -18.06 5.20 1.71
N VAL B 226 -17.41 5.09 0.55
CA VAL B 226 -16.11 5.72 0.34
C VAL B 226 -16.25 7.05 -0.38
N LEU B 227 -17.44 7.35 -0.91
CA LEU B 227 -17.79 8.58 -1.61
C LEU B 227 -19.24 8.85 -1.30
N PRO B 228 -19.67 10.11 -1.36
CA PRO B 228 -21.11 10.39 -1.23
C PRO B 228 -21.88 9.83 -2.41
N ASP B 229 -23.18 9.61 -2.16
CA ASP B 229 -24.06 9.16 -3.24
C ASP B 229 -23.92 10.11 -4.44
N SER B 230 -23.94 9.54 -5.64
CA SER B 230 -23.81 10.33 -6.85
C SER B 230 -24.68 9.71 -7.93
N ASP B 231 -24.85 10.44 -9.04
CA ASP B 231 -25.54 9.91 -10.20
C ASP B 231 -24.57 9.40 -11.26
N ARG B 232 -23.30 9.25 -10.91
CA ARG B 232 -22.36 8.66 -11.84
C ARG B 232 -22.52 7.15 -11.84
N ARG B 233 -21.66 6.48 -12.61
CA ARG B 233 -21.91 5.10 -13.02
C ARG B 233 -21.14 4.08 -12.19
N GLY B 234 -20.45 4.51 -11.14
CA GLY B 234 -19.64 3.61 -10.34
C GLY B 234 -20.10 3.46 -8.89
N MET B 235 -19.64 2.40 -8.24
CA MET B 235 -20.07 2.08 -6.89
C MET B 235 -19.43 3.04 -5.89
N THR B 236 -20.25 3.72 -5.08
CA THR B 236 -19.76 4.67 -4.10
C THR B 236 -19.78 4.12 -2.68
N ALA B 237 -20.46 3.00 -2.45
CA ALA B 237 -20.57 2.41 -1.13
C ALA B 237 -21.05 0.98 -1.30
N SER B 238 -21.00 0.25 -0.20
CA SER B 238 -21.55 -1.09 -0.13
C SER B 238 -22.07 -1.30 1.28
N GLY B 239 -22.92 -2.31 1.42
CA GLY B 239 -23.47 -2.59 2.73
C GLY B 239 -23.82 -4.05 2.93
N MET B 240 -24.14 -4.38 4.18
CA MET B 240 -24.65 -5.67 4.58
C MET B 240 -26.00 -5.46 5.26
N ILE B 241 -27.02 -6.15 4.80
CA ILE B 241 -28.31 -6.20 5.49
C ILE B 241 -28.35 -7.53 6.22
N VAL B 242 -28.55 -7.50 7.53
CA VAL B 242 -28.49 -8.73 8.31
C VAL B 242 -29.83 -8.95 9.00
N ILE B 243 -30.47 -10.06 8.67
CA ILE B 243 -31.70 -10.46 9.35
C ILE B 243 -31.32 -11.40 10.48
N ASN B 244 -31.88 -11.17 11.68
CA ASN B 244 -31.51 -11.94 12.86
C ASN B 244 -30.02 -11.85 13.14
N PRO B 245 -29.46 -10.65 13.26
CA PRO B 245 -28.04 -10.53 13.61
C PRO B 245 -27.79 -11.08 14.98
N PRO B 246 -26.59 -11.63 15.25
CA PRO B 246 -26.22 -11.92 16.63
C PRO B 246 -26.27 -10.65 17.47
N TRP B 247 -26.56 -10.80 18.76
CA TRP B 247 -26.81 -9.62 19.57
C TRP B 247 -25.62 -8.68 19.62
N LYS B 248 -24.40 -9.21 19.49
CA LYS B 248 -23.21 -8.37 19.60
C LYS B 248 -22.91 -7.56 18.34
N LEU B 249 -23.49 -7.92 17.20
CA LEU B 249 -23.04 -7.36 15.93
C LEU B 249 -23.19 -5.84 15.89
N GLU B 250 -24.32 -5.30 16.34
CA GLU B 250 -24.51 -3.86 16.25
C GLU B 250 -23.40 -3.13 16.98
N GLN B 251 -23.13 -3.52 18.23
CA GLN B 251 -22.06 -2.86 18.97
C GLN B 251 -20.69 -3.13 18.36
N GLN B 252 -20.44 -4.35 17.89
CA GLN B 252 -19.18 -4.63 17.21
C GLN B 252 -18.97 -3.68 16.04
N MET B 253 -20.02 -3.44 15.25
CA MET B 253 -19.83 -2.61 14.07
C MET B 253 -19.67 -1.15 14.45
N ASN B 254 -20.39 -0.70 15.48
CA ASN B 254 -20.18 0.67 15.97
C ASN B 254 -18.75 0.86 16.47
N ASN B 255 -18.15 -0.19 17.04
CA ASN B 255 -16.77 -0.10 17.52
C ASN B 255 -15.78 0.02 16.36
N VAL B 256 -16.00 -0.73 15.28
CA VAL B 256 -14.97 -0.84 14.25
C VAL B 256 -15.20 0.07 13.06
N LEU B 257 -16.44 0.51 12.79
CA LEU B 257 -16.67 1.25 11.56
C LEU B 257 -15.93 2.58 11.49
N PRO B 258 -15.82 3.37 12.57
CA PRO B 258 -15.04 4.61 12.46
C PRO B 258 -13.59 4.36 12.10
N TRP B 259 -12.98 3.34 12.70
CA TRP B 259 -11.59 3.01 12.37
C TRP B 259 -11.47 2.51 10.94
N LEU B 260 -12.35 1.59 10.55
CA LEU B 260 -12.31 1.08 9.17
C LEU B 260 -12.44 2.19 8.16
N HIS B 261 -13.37 3.12 8.38
CA HIS B 261 -13.55 4.21 7.42
C HIS B 261 -12.31 5.09 7.35
N SER B 262 -11.67 5.34 8.50
CA SER B 262 -10.50 6.22 8.49
C SER B 262 -9.34 5.59 7.72
N LYS B 263 -9.19 4.27 7.83
CA LYS B 263 -8.11 3.58 7.11
C LYS B 263 -8.42 3.41 5.63
N LEU B 264 -9.65 3.02 5.30
CA LEU B 264 -10.00 2.80 3.91
C LEU B 264 -10.14 4.10 3.13
N VAL B 265 -10.50 5.18 3.82
CA VAL B 265 -10.83 6.45 3.16
C VAL B 265 -10.13 7.59 3.89
N PRO B 266 -8.82 7.76 3.69
CA PRO B 266 -8.10 8.80 4.43
C PRO B 266 -8.70 10.19 4.25
N ALA B 267 -9.26 10.48 3.07
CA ALA B 267 -9.85 11.79 2.82
C ALA B 267 -11.12 12.03 3.63
N GLY B 268 -11.75 10.98 4.15
CA GLY B 268 -12.92 11.15 4.99
C GLY B 268 -14.23 11.30 4.24
N THR B 269 -14.23 11.18 2.91
CA THR B 269 -15.47 11.23 2.16
C THR B 269 -16.35 10.03 2.48
N GLY B 270 -17.66 10.18 2.26
CA GLY B 270 -18.58 9.08 2.50
C GLY B 270 -19.05 9.02 3.95
N HIS B 271 -19.28 7.79 4.43
CA HIS B 271 -19.81 7.58 5.77
C HIS B 271 -19.68 6.11 6.13
N ALA B 272 -19.93 5.81 7.40
CA ALA B 272 -20.01 4.42 7.86
C ALA B 272 -21.03 4.37 8.98
N THR B 273 -22.12 3.64 8.77
CA THR B 273 -23.27 3.67 9.66
C THR B 273 -23.76 2.26 9.96
N VAL B 274 -24.44 2.13 11.10
CA VAL B 274 -25.21 0.95 11.47
C VAL B 274 -26.54 1.43 12.01
N SER B 275 -27.63 0.83 11.54
CA SER B 275 -28.96 1.21 11.99
C SER B 275 -29.93 0.07 11.71
N TRP B 276 -31.09 0.14 12.35
CA TRP B 276 -32.11 -0.89 12.19
C TRP B 276 -33.07 -0.48 11.08
N ILE B 277 -33.23 -1.35 10.08
CA ILE B 277 -34.31 -1.21 9.12
C ILE B 277 -35.64 -1.54 9.79
N VAL B 278 -35.69 -2.69 10.47
CA VAL B 278 -36.87 -3.11 11.23
C VAL B 278 -36.38 -3.64 12.58
N PRO B 279 -36.81 -3.08 13.70
CA PRO B 279 -36.39 -3.64 14.99
C PRO B 279 -37.02 -5.00 15.23
N GLU B 280 -36.59 -5.64 16.31
CA GLU B 280 -37.18 -6.91 16.70
C GLU B 280 -38.65 -6.70 17.07
O5' GMP C 1 22.48 14.43 -17.77
C5' GMP C 1 23.26 15.11 -16.80
C4' GMP C 1 24.61 14.62 -16.82
O4' GMP C 1 24.66 13.12 -16.66
C3' GMP C 1 25.30 14.84 -18.15
O3' GMP C 1 25.88 16.10 -18.16
C2' GMP C 1 26.16 13.91 -18.23
O2' GMP C 1 27.44 14.37 -17.86
C1' GMP C 1 25.74 12.75 -17.19
N9 GMP C 1 25.50 11.47 -17.89
C8 GMP C 1 25.99 10.29 -17.56
N7 GMP C 1 25.54 9.37 -18.41
C5 GMP C 1 24.75 9.99 -19.30
C6 GMP C 1 23.96 9.50 -20.51
O6 GMP C 1 23.96 8.36 -20.82
N1 GMP C 1 23.19 10.43 -21.26
C2 GMP C 1 23.18 11.83 -20.89
N2 GMP C 1 22.42 12.79 -21.65
N3 GMP C 1 23.94 12.30 -19.74
C4 GMP C 1 24.73 11.33 -18.96
HO5' GMP C 1 22.52 14.83 -18.51
H5'1 GMP C 1 22.87 14.96 -15.93
H5'2 GMP C 1 23.25 16.06 -17.00
H4' GMP C 1 25.12 15.05 -16.12
H3' GMP C 1 24.65 14.76 -18.87
H2' GMP C 1 26.19 13.56 -19.13
HO2' GMP C 1 27.87 13.74 -17.48
H1' GMP C 1 26.41 12.64 -16.51
H8 GMP C 1 26.56 10.12 -16.84
HN1 GMP C 1 22.74 10.17 -21.94
HN21 GMP C 1 22.41 13.62 -21.42
HN22 GMP C 1 21.97 12.53 -22.33
O5' GMP D 1 -19.68 -7.70 -11.66
C5' GMP D 1 -18.80 -7.14 -10.73
C4' GMP D 1 -17.46 -7.57 -10.94
O4' GMP D 1 -17.36 -9.07 -10.88
C3' GMP D 1 -16.94 -7.28 -12.34
O3' GMP D 1 -16.41 -5.98 -12.38
C2' GMP D 1 -16.05 -8.16 -12.55
O2' GMP D 1 -14.76 -7.69 -12.25
C1' GMP D 1 -16.35 -9.40 -11.54
N9 GMP D 1 -16.64 -10.64 -12.28
C8 GMP D 1 -16.14 -11.84 -12.04
N7 GMP D 1 -16.64 -12.72 -12.90
C5 GMP D 1 -17.48 -12.04 -13.71
C6 GMP D 1 -18.35 -12.47 -14.89
O6 GMP D 1 -18.37 -13.60 -15.27
N1 GMP D 1 -19.14 -11.49 -15.55
C2 GMP D 1 -19.12 -10.10 -15.11
N2 GMP D 1 -19.91 -9.10 -15.77
N3 GMP D 1 -18.29 -9.70 -13.99
C4 GMP D 1 -17.47 -10.73 -13.31
HO5' GMP D 1 -19.35 -8.41 -11.98
H5'1 GMP D 1 -19.08 -7.40 -9.83
H5'2 GMP D 1 -18.85 -6.17 -10.79
H4' GMP D 1 -16.86 -7.17 -10.29
H3' GMP D 1 -17.67 -7.35 -12.99
H2' GMP D 1 -16.08 -8.46 -13.47
HO2' GMP D 1 -14.74 -6.84 -12.35
H1' GMP D 1 -15.60 -9.53 -10.95
H8 GMP D 1 -15.55 -12.04 -11.37
HN1 GMP D 1 -19.63 -11.71 -16.21
HN21 GMP D 1 -19.89 -8.29 -15.50
HN22 GMP D 1 -20.41 -9.32 -16.45
C1 6D6 E . 20.45 12.84 -11.80
C2 6D6 E . 21.37 11.78 -12.53
C3 6D6 E . 21.93 10.72 -11.50
C4 6D6 E . 22.14 8.33 -11.04
C5 6D6 E . 23.18 7.62 -8.77
C6 6D6 E . 23.44 9.39 -12.88
C7 6D6 E . 24.61 8.25 -14.70
C8 6D6 E . 21.29 7.14 -17.35
C9 6D6 E . 21.21 9.27 -17.82
N2 6D6 E . 22.17 9.39 -12.14
C10 6D6 E . 23.27 8.59 -9.96
N3 6D6 E . 21.90 7.70 -8.14
C11 6D6 E . 24.26 8.04 -7.78
O1 6D6 E . 25.46 7.78 -8.00
O2 6D6 E . 23.91 8.64 -6.75
C12 6D6 E . 23.64 8.17 -13.52
O3 6D6 E . 22.31 7.68 -14.20
C13 6D6 E . 22.62 7.10 -15.29
C14 6D6 E . 24.27 7.22 -15.43
O4 6D6 E . 24.81 6.02 -14.95
O5 6D6 E . 25.93 8.16 -14.27
N4 6D6 E . 21.97 7.76 -16.41
N5 6D6 E . 20.82 8.05 -18.22
C15 6D6 E . 21.04 10.61 -18.28
N6 6D6 E . 20.28 10.89 -19.50
N7 6D6 E . 21.58 11.61 -17.62
C16 6D6 E . 22.27 11.37 -16.51
N8 6D6 E . 22.45 10.15 -16.04
C17 6D6 E . 21.94 9.10 -16.67
H1 6D6 E . 20.97 13.28 -11.10
H2 6D6 E . 19.70 12.37 -11.39
H3 6D6 E . 20.84 11.33 -13.21
H4 6D6 E . 22.11 12.24 -12.96
H5 6D6 E . 22.76 11.05 -11.12
H6 6D6 E . 21.28 10.61 -10.77
H7 6D6 E . 21.28 8.35 -10.61
H8 6D6 E . 22.28 7.45 -11.43
H9 6D6 E . 23.35 6.72 -9.08
H10 6D6 E . 24.17 9.56 -12.27
H11 6D6 E . 23.41 10.09 -13.55
H12 6D6 E . 24.46 9.07 -15.19
H13 6D6 E . 21.16 6.22 -17.41
H18 6D6 E . 24.13 8.50 -10.38
H19 6D6 E . 23.18 9.50 -9.63
H20 6D6 E . 21.57 6.88 -8.02
H21 6D6 E . 21.98 8.11 -7.36
H24 6D6 E . 23.95 7.49 -12.89
H25 6D6 E . 22.37 6.16 -15.25
H26 6D6 E . 24.52 7.35 -16.36
H27 6D6 E . 24.41 5.36 -15.29
H28 6D6 E . 26.03 7.44 -13.83
H29 6D6 E . 20.20 11.70 -19.78
H30 6D6 E . 19.93 10.23 -19.95
H31 6D6 E . 22.65 12.09 -16.05
C1 6D6 F . -21.12 -9.47 -5.75
C2 6D6 F . -20.26 -10.51 -6.56
C3 6D6 F . -19.56 -11.53 -5.57
C4 6D6 F . -19.28 -13.94 -5.15
C5 6D6 F . -18.05 -14.63 -2.96
C6 6D6 F . -18.16 -12.83 -7.09
C7 6D6 F . -17.21 -13.91 -9.10
C8 6D6 F . -20.87 -15.21 -11.34
C9 6D6 F . -21.04 -13.14 -11.98
N2 6D6 F . -19.34 -12.85 -6.24
C10 6D6 F . -18.06 -13.68 -4.18
N3 6D6 F . -19.29 -14.56 -2.23
C11 6D6 F . -16.92 -14.16 -2.06
O1 6D6 F . -15.74 -14.43 -2.36
O2 6D6 F . -17.19 -13.50 -1.04
C12 6D6 F . -18.06 -14.02 -7.83
O3 6D6 F . -19.47 -14.38 -8.42
C13 6D6 F . -19.25 -15.04 -9.49
C14 6D6 F . -17.66 -14.87 -9.87
O4 6D6 F . -17.10 -16.11 -9.57
O5 6D6 F . -15.87 -14.10 -8.80
N4 6D6 F . -20.07 -14.50 -10.57
N5 6D6 F . -21.47 -14.39 -12.21
C15 6D6 F . -21.31 -11.88 -12.53
N6 6D6 F . -22.26 -11.79 -13.65
N7 6D6 F . -20.70 -10.82 -12.05
C16 6D6 F . -19.84 -10.92 -11.05
N8 6D6 F . -19.56 -12.09 -10.49
C17 6D6 F . -20.15 -13.21 -10.95
H1 6D6 F . -20.55 -9.00 -5.12
H2 6D6 F . -21.81 -9.94 -5.26
H3 6D6 F . -20.85 -11.01 -7.17
H4 6D6 F . -19.59 -10.05 -7.08
H5 6D6 F . -18.70 -11.17 -5.30
H6 6D6 F . -20.13 -11.66 -4.79
H7 6D6 F . -20.10 -13.91 -4.64
H8 6D6 F . -19.18 -14.81 -5.57
H9 6D6 F . -17.89 -15.54 -3.25
H10 6D6 F . -18.22 -12.08 -7.70
H11 6D6 F . -17.37 -12.73 -6.55
H12 6D6 F . -17.34 -13.04 -9.51
H13 6D6 F . -21.00 -16.13 -11.29
H18 6D6 F . -17.23 -13.81 -4.67
H19 6D6 F . -18.10 -12.76 -3.86
H20 6D6 F . -19.49 -13.71 -2.09
H21 6D6 F . -19.94 -14.95 -2.70
H24 6D6 F . -17.74 -14.74 -7.27
H25 6D6 F . -19.46 -15.98 -9.35
H26 6D6 F . -17.55 -14.65 -10.81
H27 6D6 F . -16.40 -16.01 -9.10
H28 6D6 F . -15.72 -13.88 -7.98
H29 6D6 F . -22.65 -12.49 -13.93
H30 6D6 F . -22.43 -11.02 -14.00
H31 6D6 F . -19.43 -10.16 -10.73
#